data_1WG0
#
_entry.id   1WG0
#
_cell.length_a   43.444
_cell.length_b   68.629
_cell.length_c   46.985
_cell.angle_alpha   90.00
_cell.angle_beta   108.95
_cell.angle_gamma   90.00
#
_symmetry.space_group_name_H-M   'P 1 21 1'
#
loop_
_entity.id
_entity.type
_entity.pdbx_description
1 polymer 'Probable 26S proteasome regulatory subunit p28'
2 water water
#
_entity_poly.entity_id   1
_entity_poly.type   'polypeptide(L)'
_entity_poly.pdbx_seq_one_letter_code
;MSNYPLHQACMENEFFKVQELLHSKPSLLLQKDQDGRIPLHWSVSFQAHEITSFLLSKMENVNLDDYPDDSGWTPFHIAC
SVGNLEVVKSLYDRPLKPDLNKITNQGVTCLHLAVGKKWFEVSQFLIENGASVRIKDKFNQIPLHRAASVGSLKLIELLC
GLGKSAVNWQDKQGWTPLFHALAEGHGDAAVLLVEKYGAEYDLVDNKGAKAEDVALNEQVKKFFLNNVVDKLAAALEHHH
HHH
;
_entity_poly.pdbx_strand_id   A
#
# COMPACT_ATOMS: atom_id res chain seq x y z
N MET A 1 22.73 -1.97 15.44
CA MET A 1 22.27 -3.02 16.39
C MET A 1 23.38 -3.95 16.88
N SER A 2 23.71 -3.81 18.16
CA SER A 2 24.72 -4.66 18.77
C SER A 2 23.92 -5.77 19.42
N ASN A 3 24.49 -6.97 19.44
CA ASN A 3 23.84 -8.14 20.01
C ASN A 3 23.14 -8.88 18.88
N TYR A 4 23.01 -8.22 17.75
CA TYR A 4 22.39 -8.82 16.57
C TYR A 4 23.27 -8.54 15.35
N PRO A 5 24.50 -9.05 15.36
CA PRO A 5 25.48 -8.88 14.28
C PRO A 5 24.98 -9.29 12.89
N LEU A 6 24.17 -10.34 12.82
CA LEU A 6 23.66 -10.78 11.53
C LEU A 6 22.70 -9.78 10.88
N HIS A 7 21.81 -9.20 11.68
CA HIS A 7 20.87 -8.24 11.15
C HIS A 7 21.65 -7.03 10.70
N GLN A 8 22.67 -6.68 11.47
CA GLN A 8 23.52 -5.55 11.16
C GLN A 8 24.22 -5.75 9.83
N ALA A 9 24.77 -6.94 9.64
CA ALA A 9 25.48 -7.25 8.41
C ALA A 9 24.57 -7.17 7.19
N CYS A 10 23.26 -7.35 7.41
CA CYS A 10 22.30 -7.27 6.31
C CYS A 10 22.08 -5.81 5.92
N MET A 11 21.99 -4.97 6.92
CA MET A 11 21.78 -3.55 6.69
C MET A 11 22.91 -2.95 5.86
N GLU A 12 24.15 -3.24 6.26
CA GLU A 12 25.34 -2.74 5.59
C GLU A 12 25.58 -3.36 4.22
N ASN A 13 24.92 -4.48 3.96
CA ASN A 13 25.05 -5.22 2.71
C ASN A 13 26.42 -5.90 2.64
N GLU A 14 26.80 -6.53 3.74
CA GLU A 14 28.05 -7.24 3.82
C GLU A 14 27.74 -8.73 3.61
N PHE A 15 27.52 -9.08 2.35
CA PHE A 15 27.17 -10.44 1.98
C PHE A 15 28.17 -11.49 2.43
N PHE A 16 29.46 -11.18 2.33
CA PHE A 16 30.45 -12.15 2.75
C PHE A 16 30.35 -12.34 4.25
N LYS A 17 30.17 -11.25 4.97
CA LYS A 17 30.07 -11.31 6.41
C LYS A 17 28.86 -12.17 6.77
N VAL A 18 27.71 -11.87 6.18
CA VAL A 18 26.50 -12.64 6.45
C VAL A 18 26.79 -14.14 6.35
N GLN A 19 27.50 -14.55 5.31
CA GLN A 19 27.82 -15.96 5.13
C GLN A 19 28.68 -16.50 6.27
N GLU A 20 29.64 -15.71 6.72
CA GLU A 20 30.52 -16.14 7.80
C GLU A 20 29.76 -16.31 9.11
N LEU A 21 28.79 -15.44 9.33
CA LEU A 21 28.01 -15.50 10.55
C LEU A 21 27.15 -16.76 10.53
N LEU A 22 26.44 -17.01 9.45
CA LEU A 22 25.57 -18.18 9.33
C LEU A 22 26.36 -19.47 9.48
N HIS A 23 27.65 -19.39 9.24
CA HIS A 23 28.51 -20.56 9.34
C HIS A 23 29.00 -20.77 10.76
N SER A 24 29.17 -19.67 11.50
CA SER A 24 29.66 -19.74 12.88
C SER A 24 28.55 -20.08 13.85
N LYS A 25 27.34 -19.64 13.54
CA LYS A 25 26.17 -19.91 14.36
C LYS A 25 24.95 -19.83 13.48
N PRO A 26 24.57 -20.96 12.86
CA PRO A 26 23.42 -21.06 11.98
C PRO A 26 22.11 -20.60 12.61
N SER A 27 21.99 -20.80 13.92
CA SER A 27 20.77 -20.43 14.64
C SER A 27 20.29 -18.97 14.46
N LEU A 28 21.17 -18.11 13.97
CA LEU A 28 20.84 -16.70 13.75
C LEU A 28 19.93 -16.44 12.56
N LEU A 29 19.80 -17.45 11.71
CA LEU A 29 18.95 -17.30 10.54
C LEU A 29 17.58 -16.68 10.85
N LEU A 30 16.83 -17.26 11.78
CA LEU A 30 15.49 -16.76 12.13
C LEU A 30 15.39 -16.09 13.50
N GLN A 31 16.50 -15.49 13.94
CA GLN A 31 16.54 -14.80 15.22
C GLN A 31 15.88 -13.43 15.08
N LYS A 32 15.10 -13.06 16.10
CA LYS A 32 14.37 -11.79 16.13
C LYS A 32 15.09 -10.74 16.98
N ASP A 33 15.31 -9.58 16.39
CA ASP A 33 15.99 -8.50 17.08
C ASP A 33 15.06 -7.78 18.06
N GLN A 34 15.49 -6.60 18.51
CA GLN A 34 14.72 -5.82 19.46
C GLN A 34 13.36 -5.45 18.92
N ASP A 35 13.29 -5.21 17.61
CA ASP A 35 12.03 -4.84 16.98
C ASP A 35 11.24 -6.02 16.43
N GLY A 36 11.68 -7.22 16.79
CA GLY A 36 10.98 -8.41 16.35
C GLY A 36 11.24 -8.78 14.91
N ARG A 37 12.22 -8.13 14.29
CA ARG A 37 12.57 -8.41 12.90
C ARG A 37 13.66 -9.48 12.80
N ILE A 38 13.63 -10.26 11.72
CA ILE A 38 14.68 -11.26 11.50
C ILE A 38 15.57 -10.75 10.37
N PRO A 39 16.70 -11.43 10.13
CA PRO A 39 17.57 -10.95 9.05
C PRO A 39 16.87 -10.57 7.73
N LEU A 40 16.01 -11.44 7.23
CA LEU A 40 15.30 -11.15 5.97
C LEU A 40 14.67 -9.75 5.92
N HIS A 41 14.26 -9.22 7.06
CA HIS A 41 13.64 -7.91 7.09
C HIS A 41 14.60 -6.82 6.65
N TRP A 42 15.82 -6.86 7.16
CA TRP A 42 16.83 -5.86 6.85
C TRP A 42 17.39 -5.93 5.45
N SER A 43 17.64 -7.15 4.96
CA SER A 43 18.19 -7.30 3.62
C SER A 43 17.19 -6.71 2.64
N VAL A 44 15.93 -7.06 2.83
CA VAL A 44 14.87 -6.57 1.97
C VAL A 44 14.72 -5.06 2.12
N SER A 45 14.82 -4.58 3.35
CA SER A 45 14.69 -3.16 3.61
C SER A 45 15.79 -2.35 2.92
N PHE A 46 17.03 -2.85 2.93
CA PHE A 46 18.15 -2.14 2.28
C PHE A 46 18.40 -2.68 0.89
N GLN A 47 17.40 -3.37 0.36
CA GLN A 47 17.47 -3.91 -0.99
C GLN A 47 18.79 -4.63 -1.28
N ALA A 48 19.21 -5.49 -0.36
CA ALA A 48 20.43 -6.26 -0.55
C ALA A 48 19.97 -7.54 -1.25
N HIS A 49 19.82 -7.45 -2.57
CA HIS A 49 19.34 -8.58 -3.38
C HIS A 49 20.13 -9.86 -3.22
N GLU A 50 21.45 -9.73 -3.22
CA GLU A 50 22.33 -10.88 -3.09
C GLU A 50 22.12 -11.60 -1.75
N ILE A 51 21.97 -10.83 -0.68
CA ILE A 51 21.77 -11.39 0.66
C ILE A 51 20.36 -11.98 0.80
N THR A 52 19.36 -11.24 0.31
CA THR A 52 17.99 -11.71 0.38
C THR A 52 17.87 -13.09 -0.25
N SER A 53 18.37 -13.21 -1.47
CA SER A 53 18.29 -14.47 -2.18
C SER A 53 18.95 -15.58 -1.39
N PHE A 54 20.07 -15.25 -0.74
CA PHE A 54 20.77 -16.26 0.02
C PHE A 54 19.95 -16.64 1.25
N LEU A 55 19.33 -15.66 1.90
CA LEU A 55 18.52 -15.98 3.06
C LEU A 55 17.36 -16.89 2.68
N LEU A 56 16.68 -16.55 1.58
CA LEU A 56 15.55 -17.35 1.10
C LEU A 56 15.96 -18.79 0.82
N SER A 57 17.15 -18.97 0.22
CA SER A 57 17.62 -20.33 -0.09
C SER A 57 17.84 -21.13 1.18
N LYS A 58 17.90 -20.46 2.31
CA LYS A 58 18.08 -21.13 3.60
C LYS A 58 16.76 -21.21 4.34
N MET A 59 15.74 -20.57 3.78
CA MET A 59 14.41 -20.55 4.37
C MET A 59 13.40 -21.32 3.53
N GLU A 60 13.88 -22.36 2.85
CA GLU A 60 13.07 -23.22 1.96
C GLU A 60 11.65 -23.50 2.47
N ASN A 61 11.53 -23.86 3.74
CA ASN A 61 10.23 -24.20 4.33
C ASN A 61 9.70 -23.15 5.31
N VAL A 62 9.93 -21.88 5.04
CA VAL A 62 9.49 -20.83 5.93
C VAL A 62 8.42 -19.90 5.36
N ASN A 63 7.25 -19.86 5.99
CA ASN A 63 6.16 -18.99 5.55
C ASN A 63 6.44 -17.58 6.07
N LEU A 64 6.70 -16.66 5.15
CA LEU A 64 7.01 -15.28 5.53
C LEU A 64 5.97 -14.65 6.44
N ASP A 65 4.75 -15.18 6.39
CA ASP A 65 3.65 -14.65 7.20
C ASP A 65 3.83 -14.92 8.69
N ASP A 66 4.60 -15.96 9.02
CA ASP A 66 4.82 -16.30 10.43
C ASP A 66 5.87 -15.38 11.04
N TYR A 67 6.36 -14.42 10.26
CA TYR A 67 7.37 -13.54 10.80
C TYR A 67 7.09 -12.04 10.74
N PRO A 68 5.98 -11.62 11.37
CA PRO A 68 5.63 -10.19 11.38
C PRO A 68 6.49 -9.60 12.49
N ASP A 69 6.99 -8.38 12.29
CA ASP A 69 7.78 -7.78 13.35
C ASP A 69 6.81 -7.25 14.40
N ASP A 70 7.31 -6.58 15.43
CA ASP A 70 6.44 -6.09 16.48
C ASP A 70 5.45 -5.09 15.92
N SER A 71 5.78 -4.53 14.76
CA SER A 71 4.91 -3.55 14.13
C SER A 71 3.84 -4.24 13.27
N GLY A 72 4.01 -5.55 13.05
CA GLY A 72 3.05 -6.29 12.26
C GLY A 72 3.55 -6.50 10.85
N TRP A 73 4.69 -5.90 10.52
CA TRP A 73 5.27 -6.02 9.19
C TRP A 73 6.04 -7.31 8.97
N THR A 74 5.64 -8.08 7.95
CA THR A 74 6.37 -9.29 7.61
C THR A 74 7.41 -8.83 6.57
N PRO A 75 8.38 -9.68 6.23
CA PRO A 75 9.37 -9.25 5.25
C PRO A 75 8.70 -8.94 3.90
N PHE A 76 7.53 -9.50 3.65
CA PHE A 76 6.85 -9.26 2.37
C PHE A 76 6.25 -7.86 2.36
N HIS A 77 5.87 -7.39 3.54
CA HIS A 77 5.30 -6.06 3.71
C HIS A 77 6.40 -5.05 3.37
N ILE A 78 7.63 -5.36 3.80
CA ILE A 78 8.77 -4.50 3.54
C ILE A 78 9.04 -4.45 2.05
N ALA A 79 9.09 -5.61 1.39
CA ALA A 79 9.35 -5.64 -0.05
C ALA A 79 8.42 -4.68 -0.78
N CYS A 80 7.12 -4.90 -0.65
CA CYS A 80 6.11 -4.08 -1.33
C CYS A 80 6.18 -2.59 -0.98
N SER A 81 6.62 -2.27 0.23
CA SER A 81 6.72 -0.87 0.65
C SER A 81 7.94 -0.26 -0.02
N VAL A 82 8.98 -1.06 -0.17
CA VAL A 82 10.21 -0.60 -0.79
C VAL A 82 10.05 -0.43 -2.31
N GLY A 83 9.17 -1.24 -2.91
CA GLY A 83 8.92 -1.15 -4.34
C GLY A 83 9.77 -1.92 -5.34
N ASN A 84 10.69 -2.77 -4.90
CA ASN A 84 11.48 -3.52 -5.86
C ASN A 84 10.67 -4.72 -6.32
N LEU A 85 10.05 -4.59 -7.48
CA LEU A 85 9.22 -5.66 -8.04
C LEU A 85 9.93 -7.01 -8.08
N GLU A 86 11.21 -6.99 -8.47
CA GLU A 86 11.99 -8.21 -8.56
C GLU A 86 12.15 -8.91 -7.24
N VAL A 87 12.34 -8.14 -6.17
CA VAL A 87 12.47 -8.75 -4.85
C VAL A 87 11.11 -9.30 -4.45
N VAL A 88 10.06 -8.52 -4.71
CA VAL A 88 8.70 -8.94 -4.38
C VAL A 88 8.39 -10.26 -5.08
N LYS A 89 8.83 -10.39 -6.32
CA LYS A 89 8.60 -11.61 -7.08
C LYS A 89 9.35 -12.79 -6.48
N SER A 90 10.52 -12.51 -5.91
CA SER A 90 11.30 -13.58 -5.31
C SER A 90 10.71 -14.01 -3.96
N LEU A 91 10.11 -13.06 -3.23
CA LEU A 91 9.52 -13.40 -1.95
C LEU A 91 8.21 -14.14 -2.17
N TYR A 92 7.50 -13.75 -3.22
CA TYR A 92 6.21 -14.36 -3.54
C TYR A 92 6.32 -15.68 -4.30
N ASP A 93 7.31 -15.80 -5.17
CA ASP A 93 7.49 -17.02 -5.96
C ASP A 93 8.12 -18.17 -5.18
N ARG A 94 7.47 -18.58 -4.10
CA ARG A 94 7.97 -19.67 -3.25
C ARG A 94 6.84 -20.66 -2.97
N PRO A 95 7.19 -21.91 -2.60
CA PRO A 95 6.20 -22.95 -2.30
C PRO A 95 5.11 -22.43 -1.38
N LEU A 96 5.50 -21.85 -0.26
CA LEU A 96 4.54 -21.29 0.67
C LEU A 96 4.31 -19.83 0.32
N LYS A 97 3.20 -19.56 -0.34
CA LYS A 97 2.87 -18.20 -0.75
C LYS A 97 2.34 -17.39 0.41
N PRO A 98 2.62 -16.07 0.43
CA PRO A 98 2.15 -15.21 1.50
C PRO A 98 0.66 -14.87 1.31
N ASP A 99 -0.01 -14.54 2.41
CA ASP A 99 -1.41 -14.15 2.32
C ASP A 99 -1.33 -12.69 1.89
N LEU A 100 -1.65 -12.44 0.62
CA LEU A 100 -1.58 -11.09 0.07
C LEU A 100 -2.45 -10.07 0.81
N ASN A 101 -3.32 -10.53 1.69
CA ASN A 101 -4.16 -9.60 2.45
C ASN A 101 -3.72 -9.47 3.90
N LYS A 102 -2.69 -10.21 4.28
CA LYS A 102 -2.19 -10.12 5.66
C LYS A 102 -2.05 -8.65 6.02
N ILE A 103 -2.43 -8.29 7.24
CA ILE A 103 -2.34 -6.90 7.64
C ILE A 103 -1.33 -6.59 8.73
N THR A 104 -0.97 -5.32 8.83
CA THR A 104 -0.04 -4.85 9.84
C THR A 104 -0.86 -4.56 11.08
N ASN A 105 -0.18 -4.21 12.17
CA ASN A 105 -0.87 -3.92 13.42
C ASN A 105 -1.95 -2.88 13.24
N GLN A 106 -1.77 -2.02 12.23
CA GLN A 106 -2.74 -0.96 11.98
C GLN A 106 -3.67 -1.23 10.80
N GLY A 107 -3.76 -2.50 10.40
CA GLY A 107 -4.66 -2.87 9.34
C GLY A 107 -4.32 -2.52 7.90
N VAL A 108 -3.04 -2.28 7.60
CA VAL A 108 -2.70 -1.94 6.23
C VAL A 108 -2.13 -3.16 5.53
N THR A 109 -2.43 -3.31 4.24
CA THR A 109 -1.92 -4.43 3.44
C THR A 109 -0.73 -4.02 2.57
N CYS A 110 -0.20 -4.98 1.83
CA CYS A 110 0.92 -4.72 0.94
C CYS A 110 0.49 -3.71 -0.11
N LEU A 111 -0.70 -3.93 -0.68
CA LEU A 111 -1.26 -3.04 -1.69
C LEU A 111 -1.42 -1.63 -1.12
N HIS A 112 -1.73 -1.53 0.17
CA HIS A 112 -1.87 -0.23 0.83
C HIS A 112 -0.51 0.47 0.78
N LEU A 113 0.54 -0.28 1.06
CA LEU A 113 1.89 0.27 1.07
C LEU A 113 2.39 0.63 -0.32
N ALA A 114 2.39 -0.36 -1.21
CA ALA A 114 2.83 -0.14 -2.57
C ALA A 114 2.12 1.07 -3.19
N VAL A 115 0.80 1.15 -3.05
CA VAL A 115 0.02 2.26 -3.61
C VAL A 115 0.35 3.60 -2.95
N GLY A 116 0.54 3.59 -1.62
CA GLY A 116 0.88 4.81 -0.94
C GLY A 116 2.25 5.37 -1.34
N LYS A 117 3.11 4.50 -1.86
CA LYS A 117 4.44 4.92 -2.30
C LYS A 117 4.48 5.12 -3.80
N LYS A 118 3.34 4.95 -4.45
CA LYS A 118 3.24 5.14 -5.90
C LYS A 118 4.07 4.14 -6.73
N TRP A 119 4.06 2.87 -6.31
CA TRP A 119 4.77 1.80 -7.01
C TRP A 119 3.73 1.13 -7.90
N PHE A 120 3.68 1.51 -9.17
CA PHE A 120 2.71 0.92 -10.08
C PHE A 120 2.91 -0.57 -10.30
N GLU A 121 4.06 -0.95 -10.88
CA GLU A 121 4.34 -2.35 -11.15
C GLU A 121 3.98 -3.23 -9.96
N VAL A 122 4.51 -2.91 -8.78
CA VAL A 122 4.24 -3.70 -7.59
C VAL A 122 2.76 -3.78 -7.22
N SER A 123 2.04 -2.66 -7.38
CA SER A 123 0.61 -2.66 -7.09
C SER A 123 -0.13 -3.56 -8.09
N GLN A 124 0.29 -3.52 -9.35
CA GLN A 124 -0.36 -4.33 -10.38
C GLN A 124 -0.11 -5.81 -10.12
N PHE A 125 1.12 -6.12 -9.74
CA PHE A 125 1.49 -7.49 -9.45
C PHE A 125 0.61 -8.07 -8.35
N LEU A 126 0.41 -7.29 -7.29
CA LEU A 126 -0.41 -7.73 -6.17
C LEU A 126 -1.84 -7.98 -6.63
N ILE A 127 -2.45 -6.97 -7.24
CA ILE A 127 -3.82 -7.08 -7.72
C ILE A 127 -4.01 -8.24 -8.71
N GLU A 128 -3.02 -8.48 -9.56
CA GLU A 128 -3.14 -9.55 -10.53
C GLU A 128 -3.02 -10.93 -9.91
N ASN A 129 -2.25 -11.01 -8.82
CA ASN A 129 -2.04 -12.26 -8.14
C ASN A 129 -3.04 -12.53 -7.02
N GLY A 130 -4.14 -11.78 -7.01
CA GLY A 130 -5.16 -12.03 -5.99
C GLY A 130 -5.40 -11.04 -4.86
N ALA A 131 -4.51 -10.07 -4.65
CA ALA A 131 -4.70 -9.11 -3.57
C ALA A 131 -6.03 -8.40 -3.70
N SER A 132 -6.71 -8.29 -2.57
CA SER A 132 -8.00 -7.62 -2.51
C SER A 132 -7.77 -6.13 -2.44
N VAL A 133 -8.68 -5.36 -3.03
CA VAL A 133 -8.55 -3.92 -3.01
C VAL A 133 -9.58 -3.27 -2.10
N ARG A 134 -10.29 -4.08 -1.32
CA ARG A 134 -11.36 -3.57 -0.45
C ARG A 134 -11.17 -3.80 1.04
N ILE A 135 -9.92 -3.96 1.47
CA ILE A 135 -9.59 -4.16 2.87
C ILE A 135 -9.30 -2.80 3.50
N LYS A 136 -10.05 -2.45 4.55
CA LYS A 136 -9.85 -1.17 5.20
C LYS A 136 -8.98 -1.24 6.45
N ASP A 137 -7.95 -0.39 6.51
CA ASP A 137 -7.06 -0.34 7.65
C ASP A 137 -7.82 0.12 8.91
N LYS A 138 -7.11 0.42 9.98
CA LYS A 138 -7.76 0.85 11.22
C LYS A 138 -8.43 2.22 11.05
N PHE A 139 -8.33 2.80 9.86
CA PHE A 139 -8.93 4.10 9.60
C PHE A 139 -10.07 3.94 8.60
N ASN A 140 -10.41 2.68 8.32
CA ASN A 140 -11.46 2.36 7.37
C ASN A 140 -11.11 2.85 5.98
N GLN A 141 -9.81 2.83 5.68
CA GLN A 141 -9.32 3.25 4.39
C GLN A 141 -8.85 2.07 3.55
N ILE A 142 -9.27 2.03 2.28
CA ILE A 142 -8.82 0.98 1.38
C ILE A 142 -7.76 1.68 0.54
N PRO A 143 -6.93 0.92 -0.20
CA PRO A 143 -5.90 1.52 -1.03
C PRO A 143 -6.30 2.77 -1.82
N LEU A 144 -7.42 2.70 -2.54
CA LEU A 144 -7.88 3.84 -3.34
C LEU A 144 -7.83 5.14 -2.56
N HIS A 145 -8.10 5.08 -1.27
CA HIS A 145 -8.05 6.30 -0.46
C HIS A 145 -6.64 6.89 -0.57
N ARG A 146 -5.63 6.03 -0.46
CA ARG A 146 -4.25 6.46 -0.56
C ARG A 146 -3.92 6.94 -1.98
N ALA A 147 -4.41 6.20 -2.96
CA ALA A 147 -4.19 6.55 -4.36
C ALA A 147 -4.65 7.98 -4.62
N ALA A 148 -5.78 8.35 -4.02
CA ALA A 148 -6.32 9.67 -4.20
C ALA A 148 -5.56 10.69 -3.38
N SER A 149 -4.99 10.22 -2.28
CA SER A 149 -4.23 11.07 -1.37
C SER A 149 -2.88 11.49 -1.97
N VAL A 150 -2.23 10.59 -2.69
CA VAL A 150 -0.95 10.93 -3.28
C VAL A 150 -1.17 11.48 -4.68
N GLY A 151 -2.43 11.53 -5.07
CA GLY A 151 -2.82 12.06 -6.37
C GLY A 151 -2.35 11.31 -7.60
N SER A 152 -2.32 9.99 -7.52
CA SER A 152 -1.88 9.15 -8.63
C SER A 152 -3.01 8.67 -9.54
N LEU A 153 -3.10 9.26 -10.73
CA LEU A 153 -4.12 8.86 -11.70
C LEU A 153 -3.91 7.42 -12.15
N LYS A 154 -2.66 7.01 -12.31
CA LYS A 154 -2.37 5.65 -12.74
C LYS A 154 -2.99 4.69 -11.75
N LEU A 155 -2.69 4.90 -10.46
CA LEU A 155 -3.19 4.05 -9.39
C LEU A 155 -4.72 4.04 -9.26
N ILE A 156 -5.34 5.19 -9.47
CA ILE A 156 -6.78 5.26 -9.43
C ILE A 156 -7.34 4.36 -10.53
N GLU A 157 -6.77 4.46 -11.73
CA GLU A 157 -7.23 3.65 -12.87
C GLU A 157 -7.08 2.17 -12.54
N LEU A 158 -5.89 1.79 -12.09
CA LEU A 158 -5.60 0.40 -11.76
C LEU A 158 -6.58 -0.16 -10.73
N LEU A 159 -6.81 0.58 -9.66
CA LEU A 159 -7.70 0.15 -8.59
C LEU A 159 -9.17 0.12 -9.02
N CYS A 160 -9.62 1.18 -9.67
CA CYS A 160 -11.00 1.27 -10.11
C CYS A 160 -11.31 0.46 -11.36
N GLY A 161 -10.33 0.35 -12.26
CA GLY A 161 -10.51 -0.40 -13.48
C GLY A 161 -10.31 -1.88 -13.18
N LEU A 162 -9.12 -2.40 -13.45
CA LEU A 162 -8.81 -3.80 -13.18
C LEU A 162 -9.27 -4.24 -11.77
N GLY A 163 -9.04 -3.38 -10.79
CA GLY A 163 -9.39 -3.70 -9.42
C GLY A 163 -10.86 -3.65 -9.07
N LYS A 164 -11.69 -3.04 -9.92
CA LYS A 164 -13.13 -2.95 -9.66
C LYS A 164 -13.41 -2.42 -8.26
N SER A 165 -12.50 -1.60 -7.76
CA SER A 165 -12.63 -1.05 -6.42
C SER A 165 -13.85 -0.17 -6.19
N ALA A 166 -14.29 -0.11 -4.94
CA ALA A 166 -15.42 0.73 -4.57
C ALA A 166 -14.84 2.14 -4.57
N VAL A 167 -15.67 3.13 -4.86
CA VAL A 167 -15.23 4.52 -4.93
C VAL A 167 -15.86 5.46 -3.88
N ASN A 168 -17.03 5.10 -3.37
CA ASN A 168 -17.69 5.96 -2.41
C ASN A 168 -17.72 5.45 -0.99
N TRP A 169 -16.69 4.73 -0.58
CA TRP A 169 -16.61 4.25 0.79
C TRP A 169 -15.99 5.33 1.65
N GLN A 170 -16.65 5.63 2.76
CA GLN A 170 -16.18 6.66 3.68
C GLN A 170 -15.31 6.07 4.79
N ASP A 171 -14.21 6.77 5.10
CA ASP A 171 -13.31 6.33 6.15
C ASP A 171 -13.78 6.84 7.52
N LYS A 172 -12.98 6.59 8.55
CA LYS A 172 -13.29 7.01 9.91
C LYS A 172 -13.68 8.48 9.99
N GLN A 173 -13.01 9.31 9.20
CA GLN A 173 -13.27 10.75 9.17
C GLN A 173 -14.50 11.08 8.31
N GLY A 174 -15.03 10.07 7.63
CA GLY A 174 -16.19 10.27 6.77
C GLY A 174 -15.78 10.66 5.36
N TRP A 175 -14.50 10.47 5.06
CA TRP A 175 -13.93 10.82 3.77
C TRP A 175 -13.92 9.70 2.76
N THR A 176 -14.22 10.04 1.53
CA THR A 176 -14.18 9.09 0.44
C THR A 176 -12.90 9.48 -0.27
N PRO A 177 -12.40 8.63 -1.17
CA PRO A 177 -11.16 8.99 -1.88
C PRO A 177 -11.19 10.41 -2.43
N LEU A 178 -12.34 10.81 -2.97
CA LEU A 178 -12.49 12.14 -3.52
C LEU A 178 -11.99 13.19 -2.51
N PHE A 179 -12.50 13.15 -1.29
CA PHE A 179 -12.08 14.09 -0.25
C PHE A 179 -10.56 14.16 -0.17
N HIS A 180 -9.92 13.00 -0.06
CA HIS A 180 -8.47 12.94 0.01
C HIS A 180 -7.78 13.61 -1.18
N ALA A 181 -8.29 13.38 -2.38
CA ALA A 181 -7.70 13.96 -3.58
C ALA A 181 -7.73 15.47 -3.52
N LEU A 182 -8.87 16.03 -3.12
CA LEU A 182 -9.01 17.48 -3.06
C LEU A 182 -8.24 18.12 -1.90
N ALA A 183 -8.13 17.40 -0.79
CA ALA A 183 -7.42 17.91 0.39
C ALA A 183 -5.94 18.05 0.09
N GLU A 184 -5.44 17.20 -0.81
CA GLU A 184 -4.04 17.22 -1.20
C GLU A 184 -3.79 18.07 -2.45
N GLY A 185 -4.86 18.69 -2.96
CA GLY A 185 -4.73 19.55 -4.13
C GLY A 185 -4.63 18.89 -5.49
N HIS A 186 -4.94 17.60 -5.55
CA HIS A 186 -4.89 16.88 -6.83
C HIS A 186 -6.22 17.05 -7.56
N GLY A 187 -6.35 18.19 -8.24
CA GLY A 187 -7.55 18.49 -8.98
C GLY A 187 -7.93 17.47 -10.04
N ASP A 188 -7.00 17.14 -10.93
CA ASP A 188 -7.27 16.19 -11.99
C ASP A 188 -7.72 14.84 -11.45
N ALA A 189 -7.08 14.39 -10.38
CA ALA A 189 -7.41 13.11 -9.77
C ALA A 189 -8.85 13.13 -9.24
N ALA A 190 -9.27 14.26 -8.67
CA ALA A 190 -10.61 14.39 -8.12
C ALA A 190 -11.64 14.32 -9.21
N VAL A 191 -11.35 14.97 -10.32
CA VAL A 191 -12.26 14.99 -11.45
C VAL A 191 -12.37 13.62 -12.13
N LEU A 192 -11.26 12.88 -12.14
CA LEU A 192 -11.26 11.55 -12.74
C LEU A 192 -12.22 10.66 -11.95
N LEU A 193 -12.06 10.63 -10.63
CA LEU A 193 -12.89 9.82 -9.76
C LEU A 193 -14.38 10.03 -10.01
N VAL A 194 -14.75 11.30 -10.15
CA VAL A 194 -16.13 11.69 -10.38
C VAL A 194 -16.61 11.44 -11.80
N GLU A 195 -15.81 11.88 -12.77
CA GLU A 195 -16.17 11.81 -14.18
C GLU A 195 -16.03 10.44 -14.82
N LYS A 196 -15.10 9.63 -14.34
CA LYS A 196 -14.90 8.33 -14.95
C LYS A 196 -15.25 7.15 -14.05
N TYR A 197 -15.32 7.36 -12.74
CA TYR A 197 -15.63 6.26 -11.84
C TYR A 197 -16.82 6.45 -10.90
N GLY A 198 -17.75 7.29 -11.31
CA GLY A 198 -18.96 7.55 -10.53
C GLY A 198 -18.82 7.87 -9.05
N ALA A 199 -17.88 8.74 -8.71
CA ALA A 199 -17.69 9.10 -7.32
C ALA A 199 -18.69 10.19 -6.96
N GLU A 200 -19.53 9.91 -5.97
CA GLU A 200 -20.53 10.87 -5.51
C GLU A 200 -19.85 12.02 -4.75
N TYR A 201 -20.25 13.25 -5.07
CA TYR A 201 -19.66 14.43 -4.43
C TYR A 201 -20.64 15.31 -3.69
N ASP A 202 -21.70 14.71 -3.17
CA ASP A 202 -22.70 15.45 -2.41
C ASP A 202 -22.72 14.91 -0.99
N LEU A 203 -21.75 14.04 -0.69
CA LEU A 203 -21.64 13.46 0.64
C LEU A 203 -20.94 14.43 1.61
N VAL A 204 -21.23 14.27 2.90
CA VAL A 204 -20.64 15.13 3.92
C VAL A 204 -19.80 14.29 4.89
N ASP A 205 -18.70 14.87 5.35
CA ASP A 205 -17.84 14.18 6.29
C ASP A 205 -18.39 14.36 7.70
N ASN A 206 -17.70 13.80 8.68
CA ASN A 206 -18.14 13.87 10.07
C ASN A 206 -18.29 15.27 10.64
N LYS A 207 -17.81 16.27 9.91
CA LYS A 207 -17.92 17.65 10.39
C LYS A 207 -18.94 18.46 9.60
N GLY A 208 -19.44 17.87 8.51
CA GLY A 208 -20.43 18.56 7.70
C GLY A 208 -19.89 19.12 6.40
N ALA A 209 -18.62 18.85 6.13
CA ALA A 209 -17.99 19.35 4.93
C ALA A 209 -18.13 18.41 3.75
N LYS A 210 -18.42 19.00 2.58
CA LYS A 210 -18.53 18.23 1.35
C LYS A 210 -17.10 18.18 0.87
N ALA A 211 -16.80 17.23 -0.01
CA ALA A 211 -15.45 17.08 -0.51
C ALA A 211 -14.87 18.42 -0.99
N GLU A 212 -15.66 19.17 -1.76
CA GLU A 212 -15.22 20.45 -2.28
C GLU A 212 -14.80 21.42 -1.19
N ASP A 213 -15.39 21.26 -0.01
CA ASP A 213 -15.07 22.13 1.11
C ASP A 213 -13.69 21.88 1.71
N VAL A 214 -13.16 20.67 1.55
CA VAL A 214 -11.85 20.38 2.10
C VAL A 214 -10.73 20.54 1.08
N ALA A 215 -11.05 21.20 -0.04
CA ALA A 215 -10.07 21.44 -1.08
C ALA A 215 -8.87 22.20 -0.51
N LEU A 216 -7.67 21.87 -1.00
CA LEU A 216 -6.45 22.51 -0.53
C LEU A 216 -6.49 24.01 -0.68
N ASN A 217 -7.11 24.48 -1.77
CA ASN A 217 -7.20 25.92 -2.00
C ASN A 217 -8.30 26.28 -2.99
N GLU A 218 -8.48 27.58 -3.20
CA GLU A 218 -9.48 28.13 -4.11
C GLU A 218 -9.36 27.59 -5.54
N GLN A 219 -8.15 27.55 -6.07
CA GLN A 219 -7.94 27.06 -7.43
C GLN A 219 -8.31 25.60 -7.59
N VAL A 220 -7.83 24.77 -6.66
CA VAL A 220 -8.13 23.34 -6.68
C VAL A 220 -9.64 23.17 -6.68
N LYS A 221 -10.30 23.85 -5.75
CA LYS A 221 -11.75 23.78 -5.62
C LYS A 221 -12.46 24.38 -6.83
N LYS A 222 -11.90 25.46 -7.35
CA LYS A 222 -12.50 26.11 -8.51
C LYS A 222 -12.44 25.17 -9.68
N PHE A 223 -11.31 24.47 -9.82
CA PHE A 223 -11.13 23.54 -10.92
C PHE A 223 -12.03 22.33 -10.83
N PHE A 224 -12.35 21.90 -9.62
CA PHE A 224 -13.21 20.74 -9.45
C PHE A 224 -14.60 21.08 -9.91
N LEU A 225 -15.21 22.06 -9.24
CA LEU A 225 -16.56 22.49 -9.53
C LEU A 225 -16.79 22.87 -10.98
N ASN A 226 -15.72 23.18 -11.72
CA ASN A 226 -15.90 23.58 -13.11
C ASN A 226 -15.72 22.44 -14.09
N ASN A 227 -15.44 21.25 -13.56
CA ASN A 227 -15.27 20.07 -14.38
C ASN A 227 -16.15 18.91 -13.94
N VAL A 228 -17.11 19.19 -13.07
CA VAL A 228 -18.09 18.20 -12.62
C VAL A 228 -19.44 18.91 -12.77
N VAL A 229 -20.40 18.24 -13.41
CA VAL A 229 -21.70 18.85 -13.65
C VAL A 229 -22.36 19.52 -12.46
N ASP A 230 -22.88 20.73 -12.68
CA ASP A 230 -23.58 21.50 -11.66
C ASP A 230 -24.88 20.74 -11.43
N LYS A 231 -24.89 19.86 -10.43
CA LYS A 231 -26.06 19.04 -10.11
C LYS A 231 -27.32 19.85 -9.93
N LEU A 232 -27.19 21.00 -9.25
CA LEU A 232 -28.33 21.86 -8.98
C LEU A 232 -29.11 22.18 -10.26
N ALA A 233 -28.39 22.24 -11.37
CA ALA A 233 -28.98 22.57 -12.67
C ALA A 233 -29.26 21.34 -13.54
N ALA A 234 -28.64 20.21 -13.20
CA ALA A 234 -28.83 18.98 -13.97
C ALA A 234 -30.30 18.73 -14.25
N ALA A 235 -30.60 18.40 -15.52
CA ALA A 235 -31.97 18.14 -15.94
C ALA A 235 -32.47 16.85 -15.29
N LEU A 236 -31.74 15.77 -15.54
CA LEU A 236 -32.11 14.48 -14.98
C LEU A 236 -31.27 14.19 -13.75
N GLU A 237 -31.45 13.01 -13.18
CA GLU A 237 -30.70 12.62 -12.01
C GLU A 237 -30.01 11.31 -12.38
N HIS A 238 -28.88 11.03 -11.75
CA HIS A 238 -28.13 9.81 -12.02
C HIS A 238 -29.00 8.56 -12.02
N HIS A 239 -28.81 7.70 -13.02
CA HIS A 239 -29.59 6.46 -13.11
C HIS A 239 -28.79 5.24 -12.64
N HIS A 240 -27.60 5.50 -12.10
CA HIS A 240 -26.72 4.47 -11.57
C HIS A 240 -25.91 5.15 -10.46
N HIS A 241 -25.32 4.38 -9.55
CA HIS A 241 -24.57 4.99 -8.46
C HIS A 241 -23.16 4.47 -8.17
N HIS A 242 -22.94 3.19 -8.38
CA HIS A 242 -21.61 2.57 -8.16
C HIS A 242 -21.54 2.00 -6.73
N HIS A 243 -21.28 0.70 -6.64
CA HIS A 243 -21.14 -0.10 -5.40
C HIS A 243 -22.33 -1.04 -5.12
#